data_8ZO3
#
_entry.id   8ZO3
#
_cell.length_a   52.028
_cell.length_b   103.829
_cell.length_c   108.864
_cell.angle_alpha   90.00
_cell.angle_beta   90.00
_cell.angle_gamma   90.00
#
_symmetry.space_group_name_H-M   'P 21 21 21'
#
loop_
_entity.id
_entity.type
_entity.pdbx_description
1 polymer 'N-acetylmuramic acid/N-acetylglucosamine kinase'
2 non-polymer 2-acetamido-2-deoxy-beta-D-glucopyranose
3 water water
#
_entity_poly.entity_id   1
_entity_poly.type   'polypeptide(L)'
_entity_poly.pdbx_seq_one_letter_code
;MKYVIGIDGGGSKTHMKISTLDYKVLLEVFKGPSNINSSTKEEVKRVLQELIMEGLGKLGQSLEECSAICIGTAGADRTE
DKSIIEDMIRSLGYMGKIIVVNDAEIALAGGIEKREGIIVISGTGSICYGRNKEGRSARSGGWGHIIGDEGSGYDIGIKA
IKAALKSFDKRGEKTILEGDILDFLKLKSHEDLINYIYRSGVTKKEIASLTRVVNSAYIKGDLVSKRILKEAARELFLSV
KAVVEVLSMQNKKVVLTTAGGVINNINYLYDEFRKFLNLNYPKVKIISMKNDSAFGAVIIARSECD
;
_entity_poly.pdbx_strand_id   A,B
#
# COMPACT_ATOMS: atom_id res chain seq x y z
N MET A 1 -15.25 22.08 22.47
CA MET A 1 -16.20 23.18 22.36
C MET A 1 -15.81 23.98 21.11
N LYS A 2 -14.60 24.56 21.14
CA LYS A 2 -14.03 25.18 19.94
C LYS A 2 -13.49 24.11 18.99
N TYR A 3 -13.69 24.32 17.69
CA TYR A 3 -13.25 23.32 16.71
C TYR A 3 -12.93 24.03 15.39
N VAL A 4 -12.24 23.32 14.51
CA VAL A 4 -12.04 23.81 13.15
C VAL A 4 -12.52 22.74 12.19
N ILE A 5 -12.81 23.19 10.97
CA ILE A 5 -13.18 22.34 9.86
C ILE A 5 -12.06 22.40 8.82
N GLY A 6 -11.66 21.25 8.31
CA GLY A 6 -10.76 21.16 7.17
C GLY A 6 -11.35 20.26 6.12
N ILE A 7 -11.40 20.75 4.89
CA ILE A 7 -12.07 20.05 3.79
C ILE A 7 -11.07 19.85 2.66
N ASP A 8 -10.97 18.61 2.21
CA ASP A 8 -10.20 18.18 1.04
C ASP A 8 -11.17 17.91 -0.09
N GLY A 9 -11.21 18.81 -1.08
CA GLY A 9 -11.98 18.55 -2.26
C GLY A 9 -11.10 17.91 -3.31
N GLY A 10 -10.80 16.62 -3.16
CA GLY A 10 -9.91 15.96 -4.07
C GLY A 10 -10.59 15.58 -5.36
N GLY A 11 -9.83 14.91 -6.23
CA GLY A 11 -10.45 14.38 -7.42
C GLY A 11 -11.27 13.11 -7.20
N SER A 12 -10.97 12.36 -6.14
CA SER A 12 -11.71 11.12 -5.90
C SER A 12 -12.90 11.32 -4.98
N LYS A 13 -12.81 12.24 -4.02
CA LYS A 13 -13.83 12.38 -3.00
C LYS A 13 -13.78 13.80 -2.45
N THR A 14 -14.79 14.15 -1.66
CA THR A 14 -14.69 15.27 -0.75
C THR A 14 -14.62 14.70 0.66
N HIS A 15 -13.63 15.13 1.43
CA HIS A 15 -13.25 14.53 2.71
C HIS A 15 -13.10 15.65 3.72
N MET A 16 -13.92 15.63 4.77
CA MET A 16 -13.92 16.69 5.76
C MET A 16 -13.48 16.10 7.10
N LYS A 17 -12.59 16.80 7.79
CA LYS A 17 -12.26 16.45 9.16
C LYS A 17 -12.65 17.60 10.07
N ILE A 18 -13.20 17.27 11.23
CA ILE A 18 -13.50 18.25 12.28
C ILE A 18 -12.59 17.95 13.46
N SER A 19 -11.86 18.96 13.91
CA SER A 19 -10.82 18.76 14.90
C SER A 19 -10.93 19.79 16.02
N THR A 20 -10.52 19.37 17.22
CA THR A 20 -10.30 20.32 18.29
C THR A 20 -9.10 21.19 17.97
N LEU A 21 -8.91 22.24 18.77
CA LEU A 21 -7.78 23.13 18.58
C LEU A 21 -6.45 22.50 19.02
N ASP A 22 -6.48 21.37 19.73
CA ASP A 22 -5.24 20.62 19.99
C ASP A 22 -5.10 19.40 19.06
N TYR A 23 -5.75 19.44 17.90
CA TYR A 23 -5.54 18.49 16.80
C TYR A 23 -6.03 17.08 17.12
N LYS A 24 -7.05 16.95 17.95
CA LYS A 24 -7.74 15.66 18.10
C LYS A 24 -8.88 15.63 17.09
N VAL A 25 -8.73 14.80 16.05
CA VAL A 25 -9.77 14.71 15.04
C VAL A 25 -10.98 14.00 15.63
N LEU A 26 -12.14 14.65 15.59
CA LEU A 26 -13.35 14.11 16.21
C LEU A 26 -14.15 13.25 15.26
N LEU A 27 -14.21 13.63 14.00
CA LEU A 27 -15.01 12.89 13.03
C LEU A 27 -14.52 13.24 11.63
N GLU A 28 -14.84 12.36 10.68
CA GLU A 28 -14.61 12.66 9.28
C GLU A 28 -15.82 12.24 8.49
N VAL A 29 -16.02 12.92 7.35
CA VAL A 29 -17.18 12.76 6.49
C VAL A 29 -16.68 12.67 5.04
N PHE A 30 -17.33 11.82 4.24
CA PHE A 30 -16.97 11.64 2.84
C PHE A 30 -18.16 11.93 1.95
N LYS A 31 -17.95 12.72 0.89
CA LYS A 31 -18.97 12.93 -0.14
C LYS A 31 -18.29 12.84 -1.50
N GLY A 32 -19.05 13.15 -2.55
CA GLY A 32 -18.56 13.08 -3.92
C GLY A 32 -17.81 14.33 -4.33
N PRO A 33 -17.61 14.51 -5.65
CA PRO A 33 -16.63 15.51 -6.13
C PRO A 33 -17.11 16.95 -5.99
N SER A 34 -16.14 17.86 -5.92
CA SER A 34 -16.45 19.26 -5.63
C SER A 34 -15.76 20.21 -6.60
N ASN A 35 -15.58 19.79 -7.86
CA ASN A 35 -14.88 20.58 -8.87
C ASN A 35 -15.88 21.31 -9.75
N ILE A 36 -15.81 22.64 -9.74
CA ILE A 36 -16.74 23.48 -10.49
C ILE A 36 -16.40 23.47 -11.98
N ASN A 37 -15.30 22.83 -12.36
CA ASN A 37 -14.99 22.68 -13.77
C ASN A 37 -15.57 21.41 -14.37
N SER A 38 -16.17 20.52 -13.56
CA SER A 38 -16.78 19.31 -14.08
C SER A 38 -18.15 19.04 -13.47
N SER A 39 -18.67 19.97 -12.67
CA SER A 39 -20.03 19.89 -12.14
C SER A 39 -20.60 21.30 -12.15
N THR A 40 -21.91 21.38 -12.10
CA THR A 40 -22.51 22.70 -12.03
C THR A 40 -22.24 23.33 -10.66
N LYS A 41 -22.32 24.65 -10.62
CA LYS A 41 -22.15 25.35 -9.35
C LYS A 41 -23.19 24.90 -8.32
N GLU A 42 -24.41 24.61 -8.78
CA GLU A 42 -25.43 24.11 -7.86
C GLU A 42 -25.08 22.72 -7.33
N GLU A 43 -24.46 21.89 -8.18
CA GLU A 43 -24.04 20.56 -7.74
C GLU A 43 -22.97 20.66 -6.66
N VAL A 44 -21.96 21.49 -6.88
CA VAL A 44 -20.88 21.63 -5.91
C VAL A 44 -21.40 22.24 -4.61
N LYS A 45 -22.21 23.29 -4.73
CA LYS A 45 -22.79 23.91 -3.54
C LYS A 45 -23.52 22.87 -2.71
N ARG A 46 -24.27 22.00 -3.36
CA ARG A 46 -25.03 20.98 -2.65
C ARG A 46 -24.11 19.99 -1.96
N VAL A 47 -23.03 19.58 -2.63
CA VAL A 47 -22.08 18.66 -2.04
C VAL A 47 -21.52 19.24 -0.75
N LEU A 48 -21.04 20.49 -0.80
CA LEU A 48 -20.42 21.11 0.36
C LEU A 48 -21.43 21.32 1.49
N GLN A 49 -22.66 21.69 1.14
CA GLN A 49 -23.72 21.78 2.15
C GLN A 49 -23.96 20.44 2.82
N GLU A 50 -24.16 19.39 2.04
CA GLU A 50 -24.44 18.09 2.63
C GLU A 50 -23.27 17.59 3.45
N LEU A 51 -22.04 17.86 2.97
CA LEU A 51 -20.84 17.44 3.68
C LEU A 51 -20.77 18.07 5.06
N ILE A 52 -20.89 19.39 5.12
CA ILE A 52 -20.72 20.11 6.38
C ILE A 52 -21.84 19.77 7.33
N MET A 53 -23.07 19.66 6.81
CA MET A 53 -24.22 19.43 7.68
C MET A 53 -24.18 18.04 8.30
N GLU A 54 -23.69 17.06 7.55
CA GLU A 54 -23.62 15.71 8.10
C GLU A 54 -22.61 15.64 9.24
N GLY A 55 -21.48 16.34 9.11
CA GLY A 55 -20.51 16.38 10.20
C GLY A 55 -21.02 17.15 11.41
N LEU A 56 -21.65 18.30 11.19
CA LEU A 56 -22.20 19.06 12.31
C LEU A 56 -23.28 18.26 13.02
N GLY A 57 -24.04 17.47 12.27
CA GLY A 57 -25.04 16.60 12.89
C GLY A 57 -24.41 15.61 13.86
N LYS A 58 -23.33 14.95 13.42
CA LYS A 58 -22.62 14.06 14.34
C LYS A 58 -21.95 14.83 15.47
N LEU A 59 -21.55 16.08 15.22
CA LEU A 59 -20.83 16.83 16.24
C LEU A 59 -21.76 17.36 17.32
N GLY A 60 -23.00 17.67 16.98
CA GLY A 60 -23.90 18.26 17.95
C GLY A 60 -23.66 19.74 18.21
N GLN A 61 -22.98 20.44 17.32
CA GLN A 61 -22.74 21.87 17.47
C GLN A 61 -23.08 22.60 16.17
N SER A 62 -23.42 23.87 16.32
CA SER A 62 -23.76 24.72 15.18
C SER A 62 -22.51 25.31 14.53
N LEU A 63 -22.68 25.70 13.26
CA LEU A 63 -21.55 26.20 12.46
C LEU A 63 -20.94 27.47 13.05
N GLU A 64 -21.73 28.30 13.73
CA GLU A 64 -21.19 29.57 14.20
C GLU A 64 -20.27 29.40 15.42
N GLU A 65 -20.18 28.21 15.99
CA GLU A 65 -19.18 27.89 17.00
C GLU A 65 -17.84 27.45 16.40
N CYS A 66 -17.77 27.29 15.09
CA CYS A 66 -16.55 26.87 14.41
C CYS A 66 -15.57 28.04 14.33
N SER A 67 -14.32 27.81 14.73
CA SER A 67 -13.36 28.92 14.80
C SER A 67 -12.74 29.25 13.46
N ALA A 68 -12.64 28.28 12.55
CA ALA A 68 -12.13 28.56 11.21
C ALA A 68 -12.41 27.36 10.33
N ILE A 69 -12.54 27.63 9.04
CA ILE A 69 -12.76 26.61 8.02
C ILE A 69 -11.71 26.80 6.93
N CYS A 70 -11.01 25.74 6.58
CA CYS A 70 -10.16 25.75 5.39
C CYS A 70 -10.63 24.66 4.45
N ILE A 71 -10.80 25.00 3.19
CA ILE A 71 -11.13 24.04 2.13
C ILE A 71 -10.07 24.16 1.04
N GLY A 72 -9.35 23.08 0.78
CA GLY A 72 -8.52 23.00 -0.40
C GLY A 72 -9.23 22.13 -1.41
N THR A 73 -9.56 22.67 -2.59
CA THR A 73 -10.34 21.90 -3.54
C THR A 73 -9.76 22.03 -4.94
N ALA A 74 -9.89 20.96 -5.71
CA ALA A 74 -9.66 21.05 -7.14
C ALA A 74 -10.66 22.03 -7.75
N GLY A 75 -10.21 22.75 -8.78
CA GLY A 75 -10.98 23.83 -9.36
C GLY A 75 -10.82 25.17 -8.67
N ALA A 76 -10.14 25.23 -7.53
CA ALA A 76 -9.80 26.51 -6.90
C ALA A 76 -8.44 26.90 -7.47
N ASP A 77 -8.46 27.44 -8.68
CA ASP A 77 -7.26 27.79 -9.42
C ASP A 77 -7.03 29.28 -9.54
N ARG A 78 -8.09 30.08 -9.44
CA ARG A 78 -8.04 31.51 -9.64
C ARG A 78 -8.71 32.20 -8.45
N THR A 79 -8.33 33.45 -8.21
CA THR A 79 -8.99 34.24 -7.17
C THR A 79 -10.51 34.22 -7.35
N GLU A 80 -10.98 34.26 -8.60
CA GLU A 80 -12.42 34.24 -8.83
C GLU A 80 -13.04 32.90 -8.42
N ASP A 81 -12.33 31.78 -8.58
CA ASP A 81 -12.85 30.52 -8.07
C ASP A 81 -12.81 30.47 -6.54
N LYS A 82 -11.86 31.17 -5.94
CA LYS A 82 -11.76 31.20 -4.49
C LYS A 82 -13.01 31.82 -3.89
N SER A 83 -13.51 32.90 -4.48
CA SER A 83 -14.63 33.64 -3.90
C SER A 83 -15.95 32.93 -4.15
N ILE A 84 -16.08 32.25 -5.29
CA ILE A 84 -17.24 31.40 -5.55
C ILE A 84 -17.37 30.32 -4.50
N ILE A 85 -16.28 29.63 -4.19
CA ILE A 85 -16.34 28.58 -3.18
C ILE A 85 -16.59 29.18 -1.80
N GLU A 86 -15.97 30.32 -1.52
CA GLU A 86 -16.21 30.97 -0.24
C GLU A 86 -17.69 31.30 -0.07
N ASP A 87 -18.33 31.74 -1.17
CA ASP A 87 -19.74 32.11 -1.11
C ASP A 87 -20.63 30.92 -0.82
N MET A 88 -20.31 29.74 -1.35
CA MET A 88 -21.18 28.62 -1.03
C MET A 88 -21.08 28.20 0.43
N ILE A 89 -19.95 28.45 1.10
CA ILE A 89 -19.86 28.17 2.52
C ILE A 89 -20.56 29.26 3.34
N ARG A 90 -20.35 30.53 2.98
CA ARG A 90 -21.03 31.60 3.71
C ARG A 90 -22.54 31.47 3.63
N SER A 91 -23.05 30.97 2.50
CA SER A 91 -24.48 30.78 2.32
C SER A 91 -25.09 29.87 3.37
N LEU A 92 -24.28 29.03 4.03
CA LEU A 92 -24.77 28.23 5.15
C LEU A 92 -25.01 29.07 6.40
N GLY A 93 -24.49 30.29 6.44
CA GLY A 93 -24.67 31.14 7.58
C GLY A 93 -23.44 31.31 8.46
N TYR A 94 -22.25 31.12 7.92
CA TYR A 94 -21.01 31.20 8.68
C TYR A 94 -20.38 32.57 8.51
N MET A 95 -20.03 33.24 9.61
CA MET A 95 -19.36 34.54 9.48
C MET A 95 -17.93 34.54 10.02
N GLY A 96 -17.34 33.38 10.25
CA GLY A 96 -15.97 33.30 10.73
C GLY A 96 -14.95 33.22 9.61
N LYS A 97 -13.74 32.81 9.96
CA LYS A 97 -12.65 32.79 9.01
C LYS A 97 -12.81 31.62 8.05
N ILE A 98 -12.71 31.91 6.75
CA ILE A 98 -12.76 30.90 5.69
C ILE A 98 -11.51 31.08 4.82
N ILE A 99 -10.76 30.00 4.64
CA ILE A 99 -9.55 30.03 3.82
C ILE A 99 -9.75 29.03 2.67
N VAL A 100 -9.76 29.53 1.43
CA VAL A 100 -9.95 28.66 0.28
C VAL A 100 -8.64 28.63 -0.49
N VAL A 101 -8.12 27.41 -0.71
CA VAL A 101 -6.89 27.20 -1.46
C VAL A 101 -7.11 26.05 -2.43
N ASN A 102 -6.16 25.91 -3.36
CA ASN A 102 -6.13 24.73 -4.21
C ASN A 102 -5.84 23.47 -3.39
N ASP A 103 -6.36 22.32 -3.86
CA ASP A 103 -6.14 21.09 -3.11
C ASP A 103 -4.66 20.75 -2.95
N ALA A 104 -3.77 21.27 -3.80
CA ALA A 104 -2.35 20.97 -3.64
C ALA A 104 -1.77 21.66 -2.41
N GLU A 105 -2.33 22.81 -2.01
CA GLU A 105 -1.78 23.52 -0.86
C GLU A 105 -2.06 22.77 0.44
N ILE A 106 -3.25 22.19 0.59
CA ILE A 106 -3.52 21.41 1.79
C ILE A 106 -2.80 20.08 1.77
N ALA A 107 -2.51 19.52 0.56
CA ALA A 107 -1.71 18.30 0.51
C ALA A 107 -0.28 18.58 0.96
N LEU A 108 0.25 19.72 0.58
CA LEU A 108 1.56 20.13 1.07
C LEU A 108 1.56 20.25 2.59
N ALA A 109 0.54 20.94 3.15
CA ALA A 109 0.50 21.15 4.59
C ALA A 109 0.37 19.84 5.34
N GLY A 110 -0.52 18.97 4.87
CA GLY A 110 -0.68 17.69 5.51
C GLY A 110 0.54 16.80 5.33
N GLY A 111 1.18 16.87 4.18
CA GLY A 111 2.25 15.95 3.85
C GLY A 111 3.58 16.31 4.51
N ILE A 112 3.86 17.61 4.60
CA ILE A 112 5.14 18.06 5.15
C ILE A 112 4.99 18.78 6.49
N GLU A 113 3.78 19.19 6.87
CA GLU A 113 3.48 19.96 8.08
C GLU A 113 4.26 21.28 8.16
N LYS A 114 4.73 21.79 7.02
CA LYS A 114 5.34 23.13 6.95
C LYS A 114 4.88 23.78 5.67
N ARG A 115 5.30 25.02 5.48
CA ARG A 115 4.91 25.80 4.32
C ARG A 115 5.80 25.57 3.11
N GLU A 116 7.06 25.20 3.34
CA GLU A 116 8.07 25.11 2.29
C GLU A 116 8.19 23.68 1.80
N GLY A 117 8.14 23.50 0.48
CA GLY A 117 8.34 22.19 -0.10
C GLY A 117 7.67 22.11 -1.46
N ILE A 118 7.67 20.90 -2.01
CA ILE A 118 7.01 20.61 -3.28
C ILE A 118 6.05 19.46 -3.09
N ILE A 119 4.89 19.55 -3.75
CA ILE A 119 3.89 18.50 -3.78
C ILE A 119 3.54 18.25 -5.23
N VAL A 120 3.49 16.97 -5.63
CA VAL A 120 2.89 16.54 -6.89
C VAL A 120 1.64 15.75 -6.58
N ILE A 121 0.54 16.10 -7.23
CA ILE A 121 -0.70 15.34 -7.16
C ILE A 121 -0.85 14.60 -8.48
N SER A 122 -1.12 13.31 -8.40
CA SER A 122 -1.68 12.58 -9.55
C SER A 122 -2.71 11.58 -9.02
N GLY A 123 -3.98 11.98 -9.08
CA GLY A 123 -5.12 11.14 -8.78
C GLY A 123 -6.01 11.22 -10.00
N THR A 124 -7.26 11.68 -9.87
CA THR A 124 -8.03 11.89 -11.09
C THR A 124 -7.46 13.05 -11.90
N GLY A 125 -6.87 14.06 -11.25
CA GLY A 125 -6.20 15.13 -11.94
C GLY A 125 -4.72 15.17 -11.57
N SER A 126 -4.02 16.17 -12.10
CA SER A 126 -2.62 16.30 -11.72
C SER A 126 -2.24 17.77 -11.67
N ILE A 127 -1.22 18.06 -10.85
CA ILE A 127 -0.76 19.42 -10.56
C ILE A 127 0.55 19.30 -9.79
N CYS A 128 1.42 20.31 -9.93
CA CYS A 128 2.56 20.48 -9.03
C CYS A 128 2.45 21.85 -8.39
N TYR A 129 2.71 21.90 -7.08
CA TYR A 129 2.70 23.16 -6.36
C TYR A 129 3.90 23.19 -5.43
N GLY A 130 4.51 24.36 -5.29
CA GLY A 130 5.65 24.47 -4.40
C GLY A 130 5.75 25.84 -3.78
N ARG A 131 6.53 25.89 -2.70
CA ARG A 131 6.85 27.14 -2.02
C ARG A 131 8.28 27.03 -1.54
N ASN A 132 9.09 28.04 -1.84
CA ASN A 132 10.51 27.98 -1.53
C ASN A 132 10.77 28.59 -0.15
N LYS A 133 12.04 28.54 0.27
CA LYS A 133 12.42 29.04 1.59
C LYS A 133 12.16 30.53 1.74
N GLU A 134 12.18 31.28 0.64
CA GLU A 134 11.81 32.69 0.61
C GLU A 134 10.31 32.93 0.70
N GLY A 135 9.50 31.88 0.80
CA GLY A 135 8.07 32.06 0.98
C GLY A 135 7.26 32.29 -0.28
N ARG A 136 7.87 32.16 -1.45
CA ARG A 136 7.17 32.40 -2.70
C ARG A 136 6.67 31.08 -3.26
N SER A 137 5.43 31.07 -3.72
CA SER A 137 4.84 29.82 -4.22
C SER A 137 4.77 29.85 -5.74
N ALA A 138 4.63 28.66 -6.34
CA ALA A 138 4.35 28.56 -7.77
C ALA A 138 3.63 27.24 -8.05
N ARG A 139 3.01 27.16 -9.22
CA ARG A 139 2.35 25.93 -9.64
C ARG A 139 2.59 25.72 -11.13
N SER A 140 2.43 24.46 -11.55
CA SER A 140 2.47 24.09 -12.96
C SER A 140 1.45 22.98 -13.17
N GLY A 141 1.04 22.80 -14.41
CA GLY A 141 -0.10 21.88 -14.59
C GLY A 141 -1.38 22.34 -13.89
N GLY A 142 -2.23 21.35 -13.58
CA GLY A 142 -3.47 21.63 -12.91
C GLY A 142 -4.52 22.29 -13.76
N TRP A 143 -4.41 22.18 -15.09
CA TRP A 143 -5.29 22.87 -16.01
C TRP A 143 -6.55 22.08 -16.36
N GLY A 144 -6.79 20.93 -15.69
CA GLY A 144 -8.07 20.23 -15.80
C GLY A 144 -8.09 19.19 -16.90
N HIS A 145 -9.21 18.47 -16.97
CA HIS A 145 -9.25 17.21 -17.71
C HIS A 145 -9.29 17.38 -19.22
N ILE A 146 -9.54 18.59 -19.73
CA ILE A 146 -9.59 18.84 -21.17
C ILE A 146 -8.29 19.46 -21.69
N ILE A 147 -7.82 20.53 -21.05
CA ILE A 147 -6.62 21.22 -21.51
C ILE A 147 -5.43 21.00 -20.58
N GLY A 148 -5.50 19.99 -19.71
CA GLY A 148 -4.39 19.69 -18.83
C GLY A 148 -4.39 18.26 -18.28
N ASP A 149 -4.03 18.14 -17.00
CA ASP A 149 -3.99 16.88 -16.27
C ASP A 149 -3.09 15.85 -16.97
N GLU A 150 -2.00 16.33 -17.54
CA GLU A 150 -1.00 15.40 -18.06
C GLU A 150 -0.49 14.50 -16.93
N GLY A 151 -0.45 13.20 -17.20
CA GLY A 151 0.10 12.28 -16.22
C GLY A 151 -0.82 11.96 -15.08
N SER A 152 -2.07 12.43 -15.13
CA SER A 152 -3.09 12.06 -14.17
C SER A 152 -3.68 10.68 -14.51
N GLY A 153 -4.50 10.18 -13.59
CA GLY A 153 -5.25 8.96 -13.84
C GLY A 153 -6.24 9.13 -14.99
N TYR A 154 -6.91 10.28 -15.05
CA TYR A 154 -7.79 10.56 -16.19
C TYR A 154 -7.02 10.49 -17.50
N ASP A 155 -5.82 11.06 -17.52
CA ASP A 155 -5.03 11.04 -18.74
C ASP A 155 -4.62 9.62 -19.10
N ILE A 156 -4.28 8.81 -18.11
CA ILE A 156 -3.84 7.44 -18.37
C ILE A 156 -5.01 6.60 -18.86
N GLY A 157 -6.21 6.85 -18.33
CA GLY A 157 -7.38 6.11 -18.76
C GLY A 157 -7.76 6.41 -20.20
N ILE A 158 -7.75 7.70 -20.59
CA ILE A 158 -7.99 8.08 -21.98
C ILE A 158 -6.95 7.46 -22.89
N LYS A 159 -5.67 7.57 -22.53
CA LYS A 159 -4.62 6.99 -23.36
C LYS A 159 -4.73 5.48 -23.44
N ALA A 160 -5.23 4.83 -22.38
CA ALA A 160 -5.41 3.38 -22.45
C ALA A 160 -6.53 3.02 -23.42
N ILE A 161 -7.61 3.78 -23.41
CA ILE A 161 -8.68 3.52 -24.36
C ILE A 161 -8.20 3.75 -25.77
N LYS A 162 -7.43 4.84 -25.98
CA LYS A 162 -6.94 5.16 -27.33
C LYS A 162 -5.99 4.07 -27.83
N ALA A 163 -5.12 3.58 -26.94
CA ALA A 163 -4.22 2.51 -27.37
C ALA A 163 -4.98 1.23 -27.67
N ALA A 164 -6.04 0.97 -26.90
CA ALA A 164 -6.82 -0.23 -27.15
C ALA A 164 -7.61 -0.12 -28.46
N LEU A 165 -8.13 1.08 -28.77
CA LEU A 165 -8.84 1.26 -30.04
C LEU A 165 -7.89 1.19 -31.22
N LYS A 166 -6.68 1.75 -31.08
CA LYS A 166 -5.71 1.68 -32.18
C LYS A 166 -5.25 0.24 -32.40
N SER A 167 -5.15 -0.53 -31.32
CA SER A 167 -4.86 -1.95 -31.45
C SER A 167 -5.99 -2.64 -32.21
N PHE A 168 -7.23 -2.24 -31.93
CA PHE A 168 -8.37 -2.88 -32.54
C PHE A 168 -8.53 -2.50 -34.00
N ASP A 169 -8.34 -1.23 -34.36
CA ASP A 169 -8.57 -0.83 -35.75
C ASP A 169 -7.28 -0.76 -36.57
N LYS A 170 -6.17 -1.26 -36.00
CA LYS A 170 -4.90 -1.52 -36.67
C LYS A 170 -4.05 -0.27 -36.91
N ARG A 171 -4.30 0.84 -36.22
CA ARG A 171 -3.42 2.00 -36.33
C ARG A 171 -2.24 1.95 -35.37
N GLY A 172 -2.27 1.08 -34.36
CA GLY A 172 -1.22 1.06 -33.36
C GLY A 172 -0.80 -0.36 -33.04
N GLU A 173 0.17 -0.45 -32.14
CA GLU A 173 0.76 -1.71 -31.71
C GLU A 173 -0.27 -2.56 -30.99
N LYS A 174 -0.19 -3.87 -31.16
CA LYS A 174 -1.13 -4.72 -30.43
C LYS A 174 -0.85 -4.64 -28.94
N THR A 175 -1.93 -4.60 -28.13
CA THR A 175 -1.83 -4.50 -26.68
C THR A 175 -2.97 -5.30 -26.06
N ILE A 176 -2.69 -5.97 -24.94
CA ILE A 176 -3.77 -6.69 -24.26
C ILE A 176 -4.79 -5.75 -23.66
N LEU A 177 -4.50 -4.44 -23.61
CA LEU A 177 -5.55 -3.48 -23.27
C LEU A 177 -6.75 -3.59 -24.20
N GLU A 178 -6.54 -4.12 -25.42
CA GLU A 178 -7.62 -4.23 -26.38
C GLU A 178 -8.80 -4.99 -25.80
N GLY A 179 -8.55 -6.14 -25.18
CA GLY A 179 -9.59 -6.87 -24.51
C GLY A 179 -9.74 -6.58 -23.03
N ASP A 180 -8.64 -6.18 -22.38
CA ASP A 180 -8.68 -6.01 -20.93
C ASP A 180 -9.59 -4.86 -20.53
N ILE A 181 -9.59 -3.75 -21.29
CA ILE A 181 -10.47 -2.64 -20.98
C ILE A 181 -11.93 -3.06 -21.12
N LEU A 182 -12.25 -3.85 -22.15
CA LEU A 182 -13.61 -4.32 -22.35
C LEU A 182 -14.03 -5.25 -21.21
N ASP A 183 -13.15 -6.16 -20.79
CA ASP A 183 -13.45 -7.04 -19.66
C ASP A 183 -13.74 -6.22 -18.41
N PHE A 184 -12.87 -5.23 -18.14
CA PHE A 184 -13.00 -4.43 -16.93
C PHE A 184 -14.31 -3.66 -16.92
N LEU A 185 -14.71 -3.12 -18.05
CA LEU A 185 -15.94 -2.35 -18.14
C LEU A 185 -17.16 -3.22 -18.41
N LYS A 186 -16.98 -4.53 -18.60
CA LYS A 186 -18.08 -5.47 -18.85
C LYS A 186 -18.81 -5.11 -20.15
N LEU A 187 -18.05 -4.83 -21.20
CA LEU A 187 -18.56 -4.47 -22.51
C LEU A 187 -18.27 -5.57 -23.50
N LYS A 188 -19.18 -5.77 -24.46
CA LYS A 188 -19.03 -6.85 -25.44
C LYS A 188 -18.04 -6.51 -26.54
N SER A 189 -18.01 -5.27 -27.00
CA SER A 189 -17.24 -4.92 -28.17
C SER A 189 -16.76 -3.48 -28.08
N HIS A 190 -15.81 -3.14 -28.95
CA HIS A 190 -15.26 -1.79 -28.89
C HIS A 190 -16.29 -0.73 -29.26
N GLU A 191 -17.27 -1.06 -30.10
CA GLU A 191 -18.28 -0.07 -30.42
C GLU A 191 -19.08 0.32 -29.17
N ASP A 192 -19.15 -0.56 -28.16
CA ASP A 192 -19.84 -0.22 -26.92
C ASP A 192 -19.15 0.91 -26.18
N LEU A 193 -17.87 1.15 -26.44
CA LEU A 193 -17.18 2.24 -25.78
C LEU A 193 -17.76 3.60 -26.15
N ILE A 194 -18.45 3.70 -27.30
CA ILE A 194 -19.05 4.96 -27.71
C ILE A 194 -20.20 5.33 -26.78
N ASN A 195 -21.07 4.36 -26.48
CA ASN A 195 -22.12 4.59 -25.50
C ASN A 195 -21.52 4.89 -24.12
N TYR A 196 -20.46 4.17 -23.75
CA TYR A 196 -19.86 4.35 -22.43
C TYR A 196 -19.31 5.77 -22.25
N ILE A 197 -18.57 6.28 -23.24
CA ILE A 197 -17.89 7.56 -23.09
C ILE A 197 -18.83 8.73 -23.37
N TYR A 198 -19.66 8.65 -24.42
CA TYR A 198 -20.37 9.82 -24.92
C TYR A 198 -21.84 9.86 -24.50
N ARG A 199 -22.42 8.75 -24.09
CA ARG A 199 -23.85 8.70 -23.90
C ARG A 199 -24.30 8.47 -22.46
N SER A 200 -23.41 8.04 -21.57
CA SER A 200 -23.86 7.42 -20.31
C SER A 200 -23.56 8.27 -19.09
N GLY A 201 -23.09 9.51 -19.27
CA GLY A 201 -22.74 10.35 -18.14
C GLY A 201 -21.52 9.90 -17.37
N VAL A 202 -20.56 9.26 -18.05
CA VAL A 202 -19.34 8.78 -17.41
C VAL A 202 -18.67 9.91 -16.64
N THR A 203 -18.04 9.57 -15.51
CA THR A 203 -17.37 10.54 -14.66
C THR A 203 -15.86 10.49 -14.89
N LYS A 204 -15.18 11.54 -14.44
CA LYS A 204 -13.72 11.54 -14.51
C LYS A 204 -13.13 10.41 -13.68
N LYS A 205 -13.71 10.16 -12.49
CA LYS A 205 -13.24 9.06 -11.67
C LYS A 205 -13.39 7.71 -12.36
N GLU A 206 -14.41 7.56 -13.19
CA GLU A 206 -14.61 6.28 -13.86
C GLU A 206 -13.55 6.05 -14.93
N ILE A 207 -13.26 7.07 -15.75
CA ILE A 207 -12.20 6.94 -16.74
C ILE A 207 -10.85 6.73 -16.05
N ALA A 208 -10.60 7.44 -14.95
CA ALA A 208 -9.34 7.31 -14.25
C ALA A 208 -9.16 5.90 -13.66
N SER A 209 -10.26 5.20 -13.38
CA SER A 209 -10.12 3.87 -12.82
C SER A 209 -9.44 2.90 -13.77
N LEU A 210 -9.42 3.21 -15.07
CA LEU A 210 -8.75 2.34 -16.03
C LEU A 210 -7.25 2.30 -15.83
N THR A 211 -6.70 3.18 -14.98
CA THR A 211 -5.30 3.05 -14.57
C THR A 211 -5.02 1.69 -13.93
N ARG A 212 -6.01 1.11 -13.23
CA ARG A 212 -5.87 -0.25 -12.69
C ARG A 212 -5.60 -1.26 -13.79
N VAL A 213 -6.25 -1.09 -14.94
CA VAL A 213 -6.08 -2.02 -16.05
C VAL A 213 -4.70 -1.89 -16.67
N VAL A 214 -4.20 -0.65 -16.79
CA VAL A 214 -2.87 -0.41 -17.35
C VAL A 214 -1.82 -1.04 -16.45
N ASN A 215 -1.97 -0.84 -15.14
CA ASN A 215 -1.04 -1.41 -14.19
C ASN A 215 -1.05 -2.92 -14.30
N SER A 216 -2.24 -3.53 -14.33
CA SER A 216 -2.35 -4.98 -14.48
C SER A 216 -1.66 -5.46 -15.76
N ALA A 217 -1.98 -4.82 -16.89
CA ALA A 217 -1.38 -5.21 -18.16
C ALA A 217 0.14 -5.02 -18.18
N TYR A 218 0.65 -3.98 -17.52
CA TYR A 218 2.11 -3.83 -17.41
C TYR A 218 2.73 -5.02 -16.65
N ILE A 219 2.10 -5.46 -15.57
CA ILE A 219 2.57 -6.62 -14.80
C ILE A 219 2.55 -7.89 -15.64
N LYS A 220 1.65 -7.97 -16.61
CA LYS A 220 1.59 -9.09 -17.55
C LYS A 220 2.55 -8.95 -18.73
N GLY A 221 3.40 -7.92 -18.74
CA GLY A 221 4.42 -7.77 -19.76
C GLY A 221 4.05 -6.91 -20.95
N ASP A 222 2.91 -6.23 -20.89
CA ASP A 222 2.44 -5.46 -22.03
C ASP A 222 3.29 -4.21 -22.20
N LEU A 223 3.92 -4.09 -23.37
CA LEU A 223 4.85 -3.00 -23.62
C LEU A 223 4.14 -1.67 -23.81
N VAL A 224 2.98 -1.67 -24.48
CA VAL A 224 2.24 -0.43 -24.65
C VAL A 224 1.83 0.15 -23.30
N SER A 225 1.37 -0.71 -22.39
CA SER A 225 0.96 -0.21 -21.07
C SER A 225 2.16 0.31 -20.30
N LYS A 226 3.30 -0.37 -20.41
CA LYS A 226 4.49 0.11 -19.73
C LYS A 226 4.88 1.50 -20.22
N ARG A 227 4.78 1.73 -21.54
CA ARG A 227 5.18 3.04 -22.04
C ARG A 227 4.20 4.13 -21.64
N ILE A 228 2.91 3.79 -21.52
CA ILE A 228 1.94 4.75 -21.00
C ILE A 228 2.33 5.19 -19.58
N LEU A 229 2.66 4.22 -18.72
CA LEU A 229 3.08 4.54 -17.36
C LEU A 229 4.36 5.38 -17.34
N LYS A 230 5.34 5.02 -18.16
CA LYS A 230 6.59 5.79 -18.21
C LYS A 230 6.32 7.24 -18.62
N GLU A 231 5.49 7.44 -19.64
CA GLU A 231 5.26 8.79 -20.12
C GLU A 231 4.48 9.63 -19.12
N ALA A 232 3.59 9.03 -18.33
CA ALA A 232 2.93 9.79 -17.27
C ALA A 232 3.93 10.23 -16.20
N ALA A 233 4.87 9.34 -15.83
CA ALA A 233 5.90 9.72 -14.87
C ALA A 233 6.72 10.90 -15.38
N ARG A 234 7.03 10.89 -16.69
CA ARG A 234 7.77 11.99 -17.28
C ARG A 234 6.98 13.30 -17.22
N GLU A 235 5.69 13.25 -17.56
CA GLU A 235 4.83 14.42 -17.45
C GLU A 235 4.82 14.96 -16.02
N LEU A 236 4.72 14.06 -15.04
CA LEU A 236 4.71 14.50 -13.64
C LEU A 236 6.05 15.12 -13.29
N PHE A 237 7.14 14.51 -13.77
CA PHE A 237 8.46 15.09 -13.53
C PHE A 237 8.58 16.47 -14.14
N LEU A 238 8.07 16.66 -15.37
CA LEU A 238 8.11 17.97 -16.01
C LEU A 238 7.43 19.03 -15.16
N SER A 239 6.34 18.68 -14.47
CA SER A 239 5.67 19.67 -13.63
C SER A 239 6.54 20.06 -12.44
N VAL A 240 7.32 19.12 -11.90
CA VAL A 240 8.24 19.45 -10.81
C VAL A 240 9.37 20.33 -11.31
N LYS A 241 9.99 19.94 -12.42
CA LYS A 241 11.05 20.73 -13.01
C LYS A 241 10.62 22.17 -13.19
N ALA A 242 9.38 22.36 -13.66
CA ALA A 242 8.86 23.69 -13.93
C ALA A 242 8.80 24.52 -12.65
N VAL A 243 8.26 23.93 -11.57
CA VAL A 243 8.11 24.65 -10.31
C VAL A 243 9.48 24.87 -9.66
N VAL A 244 10.36 23.87 -9.75
CA VAL A 244 11.69 24.02 -9.17
C VAL A 244 12.44 25.16 -9.85
N GLU A 245 12.37 25.26 -11.17
CA GLU A 245 13.09 26.32 -11.86
C GLU A 245 12.44 27.69 -11.59
N VAL A 246 11.11 27.75 -11.54
CA VAL A 246 10.45 29.03 -11.31
C VAL A 246 10.81 29.57 -9.92
N LEU A 247 10.89 28.69 -8.93
CA LEU A 247 11.21 29.09 -7.56
C LEU A 247 12.71 29.11 -7.28
N SER A 248 13.55 28.96 -8.31
CA SER A 248 15.01 29.05 -8.18
C SER A 248 15.56 28.04 -7.17
N MET A 249 14.98 26.84 -7.17
CA MET A 249 15.34 25.78 -6.23
C MET A 249 16.15 24.67 -6.88
N GLN A 250 16.63 24.88 -8.12
CA GLN A 250 17.40 23.87 -8.85
C GLN A 250 18.54 23.29 -8.03
N ASN A 251 19.16 24.11 -7.19
CA ASN A 251 20.36 23.69 -6.49
C ASN A 251 20.22 23.87 -4.99
N LYS A 252 18.98 23.84 -4.48
CA LYS A 252 18.75 23.99 -3.05
C LYS A 252 18.13 22.72 -2.49
N LYS A 253 18.30 22.53 -1.19
CA LYS A 253 17.66 21.42 -0.50
C LYS A 253 16.15 21.64 -0.50
N VAL A 254 15.42 20.62 -0.96
CA VAL A 254 13.98 20.68 -1.16
C VAL A 254 13.39 19.39 -0.63
N VAL A 255 12.28 19.48 0.09
CA VAL A 255 11.51 18.31 0.51
C VAL A 255 10.31 18.20 -0.42
N LEU A 256 10.11 17.01 -0.99
CA LEU A 256 9.06 16.79 -1.97
C LEU A 256 8.24 15.58 -1.54
N THR A 257 6.92 15.67 -1.72
CA THR A 257 6.10 14.51 -1.46
C THR A 257 5.04 14.42 -2.55
N THR A 258 4.20 13.39 -2.47
CA THR A 258 3.27 13.07 -3.55
C THR A 258 1.93 12.62 -3.00
N ALA A 259 0.86 12.98 -3.70
CA ALA A 259 -0.50 12.64 -3.28
C ALA A 259 -1.27 12.08 -4.47
N GLY A 260 -2.32 11.33 -4.18
CA GLY A 260 -3.08 10.80 -5.30
C GLY A 260 -2.84 9.32 -5.52
N GLY A 261 -3.94 8.58 -5.74
CA GLY A 261 -3.88 7.14 -5.90
C GLY A 261 -3.27 6.64 -7.19
N VAL A 262 -2.75 7.51 -8.05
CA VAL A 262 -2.00 7.08 -9.23
C VAL A 262 -0.51 7.09 -8.90
N ILE A 263 0.04 8.24 -8.56
CA ILE A 263 1.46 8.31 -8.27
C ILE A 263 1.81 7.43 -7.07
N ASN A 264 0.92 7.37 -6.06
CA ASN A 264 1.32 6.62 -4.86
C ASN A 264 1.06 5.13 -4.97
N ASN A 265 0.26 4.69 -5.94
CA ASN A 265 -0.09 3.29 -6.03
C ASN A 265 0.73 2.46 -7.03
N ILE A 266 1.15 3.02 -8.16
CA ILE A 266 1.74 2.21 -9.21
C ILE A 266 3.26 2.20 -9.04
N ASN A 267 3.81 1.04 -8.67
CA ASN A 267 5.23 0.97 -8.32
C ASN A 267 6.11 1.48 -9.44
N TYR A 268 5.85 1.01 -10.67
CA TYR A 268 6.70 1.41 -11.78
C TYR A 268 6.64 2.92 -12.02
N LEU A 269 5.44 3.49 -11.93
CA LEU A 269 5.29 4.92 -12.18
C LEU A 269 6.02 5.73 -11.11
N TYR A 270 5.84 5.36 -9.85
CA TYR A 270 6.51 6.05 -8.77
C TYR A 270 8.03 5.93 -8.90
N ASP A 271 8.51 4.73 -9.26
CA ASP A 271 9.95 4.51 -9.45
C ASP A 271 10.52 5.35 -10.57
N GLU A 272 9.82 5.40 -11.72
CA GLU A 272 10.33 6.19 -12.84
C GLU A 272 10.36 7.67 -12.50
N PHE A 273 9.34 8.14 -11.80
CA PHE A 273 9.31 9.53 -11.33
C PHE A 273 10.46 9.82 -10.38
N ARG A 274 10.66 8.96 -9.38
CA ARG A 274 11.80 9.14 -8.49
C ARG A 274 13.13 9.12 -9.25
N LYS A 275 13.26 8.24 -10.25
CA LYS A 275 14.48 8.21 -11.06
C LYS A 275 14.73 9.55 -11.73
N PHE A 276 13.70 10.14 -12.37
CA PHE A 276 13.88 11.42 -13.04
C PHE A 276 14.31 12.49 -12.06
N LEU A 277 13.66 12.54 -10.89
CA LEU A 277 14.05 13.49 -9.85
C LEU A 277 15.50 13.27 -9.41
N ASN A 278 15.87 12.02 -9.14
CA ASN A 278 17.22 11.72 -8.69
C ASN A 278 18.27 12.09 -9.74
N LEU A 279 17.95 11.87 -11.02
CA LEU A 279 18.85 12.27 -12.10
C LEU A 279 19.15 13.76 -12.06
N ASN A 280 18.11 14.57 -11.87
CA ASN A 280 18.19 16.01 -12.12
C ASN A 280 18.43 16.86 -10.87
N TYR A 281 17.96 16.42 -9.71
CA TYR A 281 18.01 17.22 -8.48
C TYR A 281 18.60 16.42 -7.35
N PRO A 282 19.93 16.44 -7.22
CA PRO A 282 20.56 15.75 -6.08
C PRO A 282 19.98 16.15 -4.73
N LYS A 283 19.62 17.42 -4.53
CA LYS A 283 19.26 17.89 -3.20
C LYS A 283 17.76 17.82 -2.92
N VAL A 284 16.96 17.24 -3.80
CA VAL A 284 15.53 17.04 -3.51
C VAL A 284 15.37 15.73 -2.74
N LYS A 285 14.80 15.82 -1.55
CA LYS A 285 14.54 14.65 -0.72
C LYS A 285 13.07 14.29 -0.86
N ILE A 286 12.78 13.04 -1.25
CA ILE A 286 11.41 12.58 -1.46
C ILE A 286 10.94 11.81 -0.22
N ILE A 287 9.77 12.19 0.29
CA ILE A 287 9.21 11.59 1.50
C ILE A 287 7.74 11.28 1.24
N SER A 288 7.17 10.44 2.10
CA SER A 288 5.74 10.18 2.06
C SER A 288 5.02 11.20 2.92
N MET A 289 3.73 11.38 2.64
CA MET A 289 2.93 12.37 3.37
C MET A 289 2.77 11.93 4.82
N LYS A 290 3.01 12.87 5.74
CA LYS A 290 2.89 12.58 7.17
C LYS A 290 1.43 12.43 7.60
N ASN A 291 0.53 13.24 7.02
CA ASN A 291 -0.91 13.13 7.21
C ASN A 291 -1.60 13.31 5.87
N ASP A 292 -2.93 13.15 5.85
CA ASP A 292 -3.65 13.29 4.59
C ASP A 292 -4.05 14.74 4.34
N SER A 293 -4.65 14.99 3.18
CA SER A 293 -4.92 16.37 2.80
C SER A 293 -5.96 17.02 3.70
N ALA A 294 -6.99 16.27 4.10
CA ALA A 294 -7.98 16.86 5.01
C ALA A 294 -7.33 17.28 6.33
N PHE A 295 -6.36 16.51 6.81
CA PHE A 295 -5.66 16.99 8.01
C PHE A 295 -4.77 18.19 7.69
N GLY A 296 -4.18 18.24 6.49
CA GLY A 296 -3.54 19.49 6.07
C GLY A 296 -4.46 20.69 6.14
N ALA A 297 -5.71 20.52 5.74
CA ALA A 297 -6.66 21.64 5.79
C ALA A 297 -6.94 22.01 7.25
N VAL A 298 -6.99 21.03 8.14
CA VAL A 298 -7.10 21.29 9.58
C VAL A 298 -5.90 22.12 10.07
N ILE A 299 -4.69 21.77 9.63
CA ILE A 299 -3.50 22.55 10.01
C ILE A 299 -3.64 23.99 9.56
N ILE A 300 -4.10 24.20 8.33
CA ILE A 300 -4.18 25.57 7.82
C ILE A 300 -5.24 26.37 8.57
N ALA A 301 -6.38 25.75 8.86
CA ALA A 301 -7.44 26.43 9.62
C ALA A 301 -7.01 26.70 11.06
N ARG A 302 -6.48 25.69 11.74
CA ARG A 302 -6.11 25.86 13.15
C ARG A 302 -4.98 26.86 13.30
N SER A 303 -4.08 26.93 12.32
CA SER A 303 -2.94 27.82 12.45
C SER A 303 -3.37 29.28 12.44
N GLU A 304 -4.54 29.57 11.87
CA GLU A 304 -5.13 30.91 11.88
C GLU A 304 -5.85 31.22 13.19
N CYS A 305 -5.90 30.30 14.15
CA CYS A 305 -6.57 30.53 15.42
C CYS A 305 -5.53 30.76 16.51
N ASP A 306 -5.89 31.60 17.48
CA ASP A 306 -4.93 32.05 18.48
C ASP A 306 -4.43 30.90 19.35
N MET B 1 20.50 -10.97 -22.92
CA MET B 1 19.23 -11.27 -22.24
C MET B 1 19.28 -10.73 -20.80
N LYS B 2 18.60 -9.62 -20.57
CA LYS B 2 18.54 -9.02 -19.24
C LYS B 2 17.45 -9.68 -18.42
N TYR B 3 17.69 -9.76 -17.10
CA TYR B 3 16.73 -10.40 -16.20
C TYR B 3 16.79 -9.75 -14.83
N VAL B 4 15.81 -10.10 -13.99
CA VAL B 4 15.84 -9.69 -12.59
C VAL B 4 15.62 -10.91 -11.72
N ILE B 5 15.98 -10.78 -10.44
CA ILE B 5 15.83 -11.84 -9.45
C ILE B 5 14.94 -11.32 -8.34
N GLY B 6 13.91 -12.09 -7.99
CA GLY B 6 13.12 -11.82 -6.81
C GLY B 6 13.26 -12.96 -5.83
N ILE B 7 13.50 -12.66 -4.56
CA ILE B 7 13.70 -13.69 -3.55
C ILE B 7 12.71 -13.46 -2.42
N ASP B 8 11.93 -14.48 -2.11
CA ASP B 8 11.08 -14.47 -0.93
C ASP B 8 11.76 -15.30 0.16
N GLY B 9 12.25 -14.62 1.19
CA GLY B 9 12.78 -15.32 2.35
C GLY B 9 11.70 -15.54 3.38
N GLY B 10 10.67 -16.32 3.03
CA GLY B 10 9.58 -16.61 3.93
C GLY B 10 9.99 -17.48 5.10
N GLY B 11 8.99 -17.88 5.88
CA GLY B 11 9.28 -18.66 7.06
C GLY B 11 9.53 -20.12 6.79
N SER B 12 8.83 -20.69 5.80
CA SER B 12 8.94 -22.11 5.52
C SER B 12 10.07 -22.45 4.57
N LYS B 13 10.69 -21.45 3.93
CA LYS B 13 11.63 -21.68 2.84
C LYS B 13 12.23 -20.35 2.38
N THR B 14 13.18 -20.44 1.46
CA THR B 14 13.52 -19.34 0.56
C THR B 14 13.13 -19.73 -0.86
N HIS B 15 12.54 -18.77 -1.57
CA HIS B 15 11.96 -18.98 -2.90
C HIS B 15 12.49 -17.89 -3.83
N MET B 16 13.35 -18.29 -4.78
CA MET B 16 13.79 -17.44 -5.88
C MET B 16 12.90 -17.56 -7.11
N LYS B 17 12.66 -16.43 -7.75
CA LYS B 17 12.16 -16.40 -9.13
C LYS B 17 13.12 -15.58 -9.97
N ILE B 18 13.47 -16.09 -11.13
CA ILE B 18 14.22 -15.34 -12.13
C ILE B 18 13.29 -15.04 -13.30
N SER B 19 13.24 -13.77 -13.70
CA SER B 19 12.26 -13.30 -14.67
C SER B 19 12.88 -12.38 -15.72
N THR B 20 12.37 -12.47 -16.94
CA THR B 20 12.68 -11.47 -17.95
C THR B 20 12.09 -10.13 -17.53
N LEU B 21 12.51 -9.06 -18.22
CA LEU B 21 11.98 -7.73 -17.96
C LEU B 21 10.52 -7.56 -18.39
N ASP B 22 9.95 -8.45 -19.20
CA ASP B 22 8.51 -8.45 -19.44
C ASP B 22 7.79 -9.54 -18.64
N TYR B 23 8.26 -9.78 -17.42
CA TYR B 23 7.58 -10.60 -16.42
C TYR B 23 7.34 -12.03 -16.86
N LYS B 24 8.21 -12.56 -17.72
CA LYS B 24 8.22 -13.99 -18.04
C LYS B 24 9.13 -14.69 -17.05
N VAL B 25 8.53 -15.50 -16.16
CA VAL B 25 9.30 -16.20 -15.14
C VAL B 25 10.04 -17.35 -15.78
N LEU B 26 11.37 -17.28 -15.76
CA LEU B 26 12.14 -18.32 -16.45
C LEU B 26 12.29 -19.59 -15.62
N LEU B 27 12.39 -19.48 -14.30
CA LEU B 27 12.70 -20.63 -13.45
C LEU B 27 12.52 -20.22 -12.00
N GLU B 28 12.42 -21.22 -11.12
CA GLU B 28 12.37 -20.98 -9.68
C GLU B 28 13.30 -21.95 -8.97
N VAL B 29 13.68 -21.55 -7.76
CA VAL B 29 14.55 -22.34 -6.89
C VAL B 29 14.02 -22.20 -5.46
N PHE B 30 14.08 -23.30 -4.70
CA PHE B 30 13.66 -23.34 -3.31
C PHE B 30 14.81 -23.80 -2.43
N LYS B 31 15.05 -23.08 -1.33
CA LYS B 31 16.01 -23.52 -0.32
C LYS B 31 15.43 -23.38 1.09
N GLY B 32 16.28 -23.47 2.11
CA GLY B 32 15.84 -23.36 3.49
C GLY B 32 15.69 -21.92 3.96
N PRO B 33 15.61 -21.72 5.28
CA PRO B 33 15.25 -20.40 5.83
C PRO B 33 16.38 -19.38 5.76
N SER B 34 15.99 -18.10 5.86
CA SER B 34 16.93 -16.99 5.68
C SER B 34 16.81 -15.94 6.77
N ASN B 35 16.38 -16.33 7.96
CA ASN B 35 16.16 -15.38 9.05
C ASN B 35 17.39 -15.32 9.95
N ILE B 36 18.02 -14.15 10.04
CA ILE B 36 19.25 -13.99 10.83
C ILE B 36 18.94 -13.96 12.31
N ASN B 37 17.65 -13.99 12.67
CA ASN B 37 17.28 -14.08 14.08
C ASN B 37 17.13 -15.51 14.56
N SER B 38 17.09 -16.48 13.65
CA SER B 38 16.98 -17.88 14.02
C SER B 38 18.10 -18.74 13.44
N SER B 39 18.87 -18.22 12.50
CA SER B 39 20.08 -18.86 12.01
C SER B 39 21.25 -17.92 12.17
N THR B 40 22.44 -18.49 12.20
CA THR B 40 23.66 -17.71 12.19
C THR B 40 23.80 -16.94 10.89
N LYS B 41 24.48 -15.79 10.95
CA LYS B 41 24.74 -15.03 9.74
C LYS B 41 25.41 -15.88 8.68
N GLU B 42 26.35 -16.73 9.09
CA GLU B 42 27.03 -17.56 8.10
C GLU B 42 26.09 -18.57 7.46
N GLU B 43 25.13 -19.10 8.24
CA GLU B 43 24.17 -20.05 7.68
C GLU B 43 23.23 -19.36 6.71
N VAL B 44 22.75 -18.16 7.03
CA VAL B 44 21.90 -17.44 6.08
C VAL B 44 22.68 -17.10 4.82
N LYS B 45 23.94 -16.68 4.99
CA LYS B 45 24.76 -16.38 3.82
C LYS B 45 24.89 -17.59 2.89
N ARG B 46 25.16 -18.77 3.46
CA ARG B 46 25.28 -19.98 2.65
C ARG B 46 23.97 -20.30 1.93
N VAL B 47 22.83 -20.18 2.61
CA VAL B 47 21.53 -20.41 1.97
C VAL B 47 21.35 -19.50 0.76
N LEU B 48 21.51 -18.19 0.98
CA LEU B 48 21.29 -17.23 -0.11
C LEU B 48 22.24 -17.50 -1.27
N GLN B 49 23.47 -17.89 -0.96
CA GLN B 49 24.46 -18.09 -2.00
C GLN B 49 24.12 -19.34 -2.82
N GLU B 50 23.79 -20.43 -2.14
CA GLU B 50 23.38 -21.64 -2.85
C GLU B 50 22.12 -21.40 -3.66
N LEU B 51 21.16 -20.67 -3.09
CA LEU B 51 19.91 -20.39 -3.77
C LEU B 51 20.16 -19.68 -5.10
N ILE B 52 20.97 -18.62 -5.07
CA ILE B 52 21.22 -17.84 -6.28
C ILE B 52 22.06 -18.62 -7.28
N MET B 53 23.11 -19.29 -6.82
CA MET B 53 23.94 -20.08 -7.74
C MET B 53 23.19 -21.23 -8.38
N GLU B 54 22.28 -21.89 -7.65
CA GLU B 54 21.51 -22.93 -8.30
C GLU B 54 20.67 -22.36 -9.43
N GLY B 55 20.14 -21.14 -9.24
CA GLY B 55 19.34 -20.53 -10.30
C GLY B 55 20.16 -20.11 -11.50
N LEU B 56 21.32 -19.50 -11.27
CA LEU B 56 22.16 -19.13 -12.39
C LEU B 56 22.67 -20.35 -13.15
N GLY B 57 22.84 -21.48 -12.45
CA GLY B 57 23.18 -22.71 -13.14
C GLY B 57 22.09 -23.17 -14.08
N LYS B 58 20.83 -23.16 -13.63
CA LYS B 58 19.74 -23.50 -14.52
C LYS B 58 19.56 -22.47 -15.63
N LEU B 59 19.90 -21.19 -15.36
CA LEU B 59 19.76 -20.13 -16.36
C LEU B 59 20.86 -20.18 -17.40
N GLY B 60 22.06 -20.65 -17.04
CA GLY B 60 23.18 -20.67 -17.96
C GLY B 60 23.80 -19.31 -18.20
N GLN B 61 23.66 -18.41 -17.24
CA GLN B 61 24.07 -17.03 -17.35
C GLN B 61 24.60 -16.60 -15.98
N SER B 62 25.57 -15.71 -15.98
CA SER B 62 26.11 -15.23 -14.72
C SER B 62 25.23 -14.12 -14.17
N LEU B 63 25.66 -13.53 -13.05
CA LEU B 63 24.98 -12.37 -12.48
C LEU B 63 25.20 -11.10 -13.27
N GLU B 64 26.05 -11.12 -14.31
CA GLU B 64 26.49 -9.86 -14.90
C GLU B 64 25.38 -9.19 -15.72
N GLU B 65 24.40 -9.95 -16.23
CA GLU B 65 23.27 -9.36 -16.93
C GLU B 65 22.05 -9.21 -16.04
N CYS B 66 22.18 -9.43 -14.73
CA CYS B 66 21.04 -9.22 -13.83
C CYS B 66 20.90 -7.73 -13.53
N SER B 67 19.77 -7.14 -13.92
CA SER B 67 19.57 -5.70 -13.79
C SER B 67 19.19 -5.26 -12.37
N ALA B 68 18.63 -6.16 -11.56
CA ALA B 68 18.25 -5.84 -10.18
C ALA B 68 17.89 -7.11 -9.43
N ILE B 69 18.13 -7.08 -8.12
CA ILE B 69 17.75 -8.16 -7.20
C ILE B 69 16.95 -7.54 -6.06
N CYS B 70 15.74 -8.05 -5.85
CA CYS B 70 14.96 -7.69 -4.67
C CYS B 70 14.81 -8.92 -3.81
N ILE B 71 15.12 -8.79 -2.52
CA ILE B 71 14.84 -9.84 -1.54
C ILE B 71 13.99 -9.25 -0.43
N GLY B 72 12.85 -9.86 -0.17
CA GLY B 72 12.05 -9.60 0.99
C GLY B 72 12.21 -10.79 1.91
N THR B 73 12.76 -10.57 3.10
CA THR B 73 13.04 -11.67 4.00
C THR B 73 12.56 -11.35 5.40
N ALA B 74 12.10 -12.38 6.09
CA ALA B 74 11.92 -12.25 7.53
C ALA B 74 13.27 -11.93 8.17
N GLY B 75 13.23 -11.15 9.24
CA GLY B 75 14.45 -10.67 9.86
C GLY B 75 14.98 -9.37 9.28
N ALA B 76 14.45 -8.92 8.15
CA ALA B 76 14.81 -7.61 7.60
C ALA B 76 13.90 -6.54 8.22
N ASP B 77 14.16 -6.26 9.49
CA ASP B 77 13.26 -5.42 10.25
C ASP B 77 13.77 -4.02 10.51
N ARG B 78 15.07 -3.80 10.38
CA ARG B 78 15.69 -2.50 10.61
C ARG B 78 16.69 -2.25 9.50
N THR B 79 17.08 -1.00 9.34
CA THR B 79 18.10 -0.67 8.35
C THR B 79 19.37 -1.49 8.55
N GLU B 80 19.80 -1.68 9.80
CA GLU B 80 21.01 -2.45 10.04
C GLU B 80 20.88 -3.88 9.53
N ASP B 81 19.68 -4.47 9.66
CA ASP B 81 19.44 -5.78 9.08
C ASP B 81 19.57 -5.76 7.56
N LYS B 82 19.15 -4.66 6.94
CA LYS B 82 19.16 -4.60 5.48
C LYS B 82 20.58 -4.52 4.94
N SER B 83 21.51 -3.92 5.68
CA SER B 83 22.91 -3.90 5.26
C SER B 83 23.54 -5.28 5.41
N ILE B 84 23.16 -6.02 6.45
CA ILE B 84 23.68 -7.36 6.64
C ILE B 84 23.29 -8.25 5.46
N ILE B 85 22.01 -8.22 5.06
CA ILE B 85 21.57 -9.05 3.95
C ILE B 85 22.20 -8.58 2.65
N GLU B 86 22.23 -7.27 2.39
CA GLU B 86 22.73 -6.82 1.11
C GLU B 86 24.20 -7.17 0.95
N ASP B 87 24.97 -7.11 2.05
CA ASP B 87 26.38 -7.51 2.01
C ASP B 87 26.54 -8.98 1.63
N MET B 88 25.62 -9.84 2.08
CA MET B 88 25.63 -11.26 1.69
C MET B 88 25.56 -11.40 0.18
N ILE B 89 24.72 -10.59 -0.45
CA ILE B 89 24.52 -10.70 -1.89
C ILE B 89 25.68 -10.07 -2.65
N ARG B 90 26.21 -8.93 -2.16
CA ARG B 90 27.37 -8.32 -2.79
C ARG B 90 28.59 -9.23 -2.74
N SER B 91 28.67 -10.09 -1.74
CA SER B 91 29.77 -11.04 -1.65
C SER B 91 29.80 -12.02 -2.82
N LEU B 92 28.68 -12.16 -3.54
CA LEU B 92 28.65 -12.96 -4.76
C LEU B 92 29.30 -12.25 -5.93
N GLY B 93 29.81 -11.05 -5.74
CA GLY B 93 30.32 -10.28 -6.87
C GLY B 93 29.28 -9.51 -7.62
N TYR B 94 28.07 -9.36 -7.08
CA TYR B 94 27.03 -8.64 -7.79
C TYR B 94 27.28 -7.13 -7.80
N MET B 95 27.12 -6.53 -8.97
CA MET B 95 27.35 -5.12 -9.21
C MET B 95 26.08 -4.27 -9.26
N GLY B 96 24.90 -4.89 -9.40
CA GLY B 96 23.70 -4.16 -9.78
C GLY B 96 22.87 -3.74 -8.58
N LYS B 97 21.65 -3.30 -8.87
CA LYS B 97 20.77 -2.77 -7.83
C LYS B 97 20.32 -3.88 -6.89
N ILE B 98 20.40 -3.62 -5.58
CA ILE B 98 19.91 -4.54 -4.56
C ILE B 98 18.84 -3.83 -3.74
N ILE B 99 17.66 -4.45 -3.64
CA ILE B 99 16.56 -3.91 -2.84
C ILE B 99 16.26 -4.92 -1.75
N VAL B 100 16.50 -4.55 -0.49
CA VAL B 100 16.21 -5.43 0.63
C VAL B 100 15.03 -4.86 1.41
N VAL B 101 13.98 -5.66 1.56
CA VAL B 101 12.79 -5.25 2.29
C VAL B 101 12.39 -6.39 3.21
N ASN B 102 11.52 -6.06 4.17
CA ASN B 102 10.83 -7.08 4.93
C ASN B 102 9.99 -7.97 4.01
N ASP B 103 9.75 -9.21 4.43
CA ASP B 103 9.01 -10.13 3.57
C ASP B 103 7.58 -9.64 3.35
N ALA B 104 7.02 -8.93 4.33
CA ALA B 104 5.66 -8.45 4.18
C ALA B 104 5.52 -7.47 3.00
N GLU B 105 6.59 -6.74 2.64
CA GLU B 105 6.48 -5.75 1.56
C GLU B 105 6.37 -6.41 0.19
N ILE B 106 7.11 -7.51 -0.05
CA ILE B 106 6.98 -8.19 -1.33
C ILE B 106 5.71 -9.02 -1.38
N ALA B 107 5.17 -9.43 -0.23
CA ALA B 107 3.88 -10.10 -0.27
C ALA B 107 2.75 -9.12 -0.61
N LEU B 108 2.86 -7.86 -0.19
CA LEU B 108 1.90 -6.84 -0.62
C LEU B 108 1.99 -6.59 -2.12
N ALA B 109 3.21 -6.44 -2.65
CA ALA B 109 3.40 -6.23 -4.08
C ALA B 109 2.89 -7.41 -4.91
N GLY B 110 3.17 -8.64 -4.48
CA GLY B 110 2.68 -9.79 -5.22
C GLY B 110 1.19 -9.96 -5.10
N GLY B 111 0.64 -9.71 -3.91
CA GLY B 111 -0.75 -10.00 -3.66
C GLY B 111 -1.72 -9.00 -4.22
N ILE B 112 -1.35 -7.72 -4.23
CA ILE B 112 -2.23 -6.64 -4.66
C ILE B 112 -1.75 -5.94 -5.92
N GLU B 113 -0.48 -6.08 -6.29
CA GLU B 113 0.13 -5.50 -7.49
C GLU B 113 0.21 -3.99 -7.44
N LYS B 114 0.12 -3.39 -6.26
CA LYS B 114 0.28 -1.95 -6.13
C LYS B 114 0.97 -1.67 -4.80
N ARG B 115 1.14 -0.38 -4.51
CA ARG B 115 1.84 0.06 -3.31
C ARG B 115 0.91 0.23 -2.11
N GLU B 116 -0.36 0.51 -2.35
CA GLU B 116 -1.26 0.85 -1.27
C GLU B 116 -2.06 -0.38 -0.89
N GLY B 117 -2.15 -0.65 0.41
CA GLY B 117 -2.95 -1.76 0.87
C GLY B 117 -2.43 -2.26 2.20
N ILE B 118 -3.01 -3.36 2.67
CA ILE B 118 -2.60 -3.99 3.91
C ILE B 118 -2.37 -5.48 3.67
N ILE B 119 -1.31 -6.03 4.26
CA ILE B 119 -1.08 -7.46 4.22
C ILE B 119 -0.87 -7.97 5.64
N VAL B 120 -1.50 -9.10 5.96
CA VAL B 120 -1.21 -9.87 7.16
C VAL B 120 -0.55 -11.16 6.77
N ILE B 121 0.60 -11.44 7.38
CA ILE B 121 1.30 -12.70 7.24
C ILE B 121 1.05 -13.50 8.50
N SER B 122 0.64 -14.76 8.35
CA SER B 122 0.74 -15.72 9.46
C SER B 122 1.21 -17.04 8.86
N GLY B 123 2.49 -17.32 9.03
CA GLY B 123 3.08 -18.57 8.59
C GLY B 123 3.88 -19.18 9.73
N THR B 124 5.20 -19.27 9.58
CA THR B 124 5.98 -19.60 10.77
C THR B 124 6.04 -18.41 11.71
N GLY B 125 6.11 -17.19 11.16
CA GLY B 125 5.98 -15.97 11.92
C GLY B 125 4.73 -15.18 11.53
N SER B 126 4.57 -13.98 12.08
CA SER B 126 3.41 -13.13 11.79
C SER B 126 3.82 -11.66 11.84
N ILE B 127 3.09 -10.85 11.08
CA ILE B 127 3.34 -9.40 11.00
C ILE B 127 2.19 -8.79 10.22
N CYS B 128 1.98 -7.48 10.39
CA CYS B 128 1.06 -6.73 9.55
C CYS B 128 1.79 -5.50 9.02
N TYR B 129 1.69 -5.30 7.73
CA TYR B 129 2.31 -4.20 7.03
C TYR B 129 1.27 -3.53 6.15
N GLY B 130 1.29 -2.21 6.12
CA GLY B 130 0.34 -1.48 5.30
C GLY B 130 0.97 -0.21 4.77
N ARG B 131 0.38 0.32 3.70
CA ARG B 131 0.72 1.62 3.16
C ARG B 131 -0.57 2.28 2.72
N ASN B 132 -0.78 3.55 3.11
CA ASN B 132 -2.05 4.20 2.83
C ASN B 132 -1.97 4.94 1.49
N LYS B 133 -3.06 5.63 1.15
CA LYS B 133 -3.12 6.32 -0.14
C LYS B 133 -2.14 7.49 -0.22
N GLU B 134 -1.78 8.06 0.93
CA GLU B 134 -0.76 9.11 0.99
C GLU B 134 0.67 8.59 0.87
N GLY B 135 0.86 7.27 0.81
CA GLY B 135 2.18 6.70 0.61
C GLY B 135 2.94 6.36 1.87
N ARG B 136 2.33 6.53 3.03
CA ARG B 136 3.01 6.30 4.31
C ARG B 136 2.75 4.87 4.77
N SER B 137 3.83 4.18 5.11
CA SER B 137 3.74 2.78 5.52
C SER B 137 3.82 2.68 7.04
N ALA B 138 3.34 1.54 7.57
CA ALA B 138 3.39 1.23 8.99
C ALA B 138 3.41 -0.28 9.13
N ARG B 139 4.00 -0.77 10.24
CA ARG B 139 3.95 -2.18 10.57
C ARG B 139 3.61 -2.35 12.05
N SER B 140 3.11 -3.53 12.37
CA SER B 140 2.88 -3.96 13.74
C SER B 140 3.21 -5.44 13.82
N GLY B 141 3.53 -5.90 15.03
CA GLY B 141 3.95 -7.28 15.15
C GLY B 141 5.31 -7.48 14.47
N GLY B 142 5.60 -8.73 14.14
CA GLY B 142 6.83 -9.04 13.45
C GLY B 142 8.06 -9.05 14.32
N TRP B 143 7.90 -9.18 15.63
CA TRP B 143 9.03 -9.10 16.55
C TRP B 143 9.69 -10.46 16.81
N GLY B 144 9.30 -11.51 16.10
CA GLY B 144 10.09 -12.73 16.11
C GLY B 144 9.54 -13.75 17.08
N HIS B 145 10.19 -14.94 17.06
CA HIS B 145 9.59 -16.10 17.72
C HIS B 145 9.67 -16.04 19.24
N ILE B 146 10.53 -15.18 19.81
CA ILE B 146 10.69 -15.07 21.27
C ILE B 146 9.87 -13.92 21.87
N ILE B 147 9.94 -12.73 21.29
CA ILE B 147 9.24 -11.57 21.86
C ILE B 147 8.09 -11.11 20.96
N GLY B 148 7.64 -11.97 20.06
CA GLY B 148 6.54 -11.60 19.18
C GLY B 148 5.88 -12.77 18.51
N ASP B 149 5.55 -12.59 17.24
CA ASP B 149 4.90 -13.60 16.40
C ASP B 149 3.58 -14.10 16.98
N GLU B 150 2.85 -13.22 17.67
CA GLU B 150 1.51 -13.59 18.13
C GLU B 150 0.64 -14.02 16.95
N GLY B 151 -0.05 -15.15 17.10
CA GLY B 151 -0.97 -15.61 16.09
C GLY B 151 -0.33 -16.32 14.92
N SER B 152 0.99 -16.54 14.97
CA SER B 152 1.74 -17.32 13.98
C SER B 152 1.55 -18.82 14.21
N GLY B 153 2.01 -19.61 13.23
CA GLY B 153 2.07 -21.05 13.40
C GLY B 153 2.98 -21.45 14.56
N TYR B 154 4.11 -20.74 14.71
CA TYR B 154 5.01 -21.03 15.82
C TYR B 154 4.32 -20.77 17.16
N ASP B 155 3.61 -19.64 17.27
CA ASP B 155 2.84 -19.36 18.47
C ASP B 155 1.79 -20.44 18.73
N ILE B 156 1.08 -20.84 17.67
CA ILE B 156 0.04 -21.87 17.79
C ILE B 156 0.66 -23.19 18.21
N GLY B 157 1.78 -23.56 17.59
CA GLY B 157 2.46 -24.80 17.94
C GLY B 157 2.91 -24.84 19.39
N ILE B 158 3.50 -23.74 19.87
CA ILE B 158 3.95 -23.66 21.26
C ILE B 158 2.75 -23.74 22.21
N LYS B 159 1.64 -23.08 21.86
CA LYS B 159 0.47 -23.11 22.72
C LYS B 159 -0.17 -24.49 22.75
N ALA B 160 -0.11 -25.24 21.65
CA ALA B 160 -0.65 -26.59 21.60
C ALA B 160 0.11 -27.51 22.53
N ILE B 161 1.44 -27.42 22.51
CA ILE B 161 2.26 -28.19 23.44
C ILE B 161 1.92 -27.83 24.88
N LYS B 162 1.88 -26.54 25.22
CA LYS B 162 1.58 -26.16 26.59
C LYS B 162 0.17 -26.64 26.98
N ALA B 163 -0.78 -26.57 26.06
CA ALA B 163 -2.13 -27.06 26.38
C ALA B 163 -2.09 -28.57 26.62
N ALA B 164 -1.31 -29.30 25.84
CA ALA B 164 -1.23 -30.73 26.02
C ALA B 164 -0.54 -31.09 27.33
N LEU B 165 0.50 -30.33 27.71
CA LEU B 165 1.19 -30.62 28.96
C LEU B 165 0.32 -30.26 30.16
N LYS B 166 -0.44 -29.16 30.09
CA LYS B 166 -1.35 -28.81 31.18
C LYS B 166 -2.45 -29.86 31.34
N SER B 167 -2.89 -30.43 30.21
CA SER B 167 -3.84 -31.53 30.23
C SER B 167 -3.23 -32.74 30.95
N PHE B 168 -2.00 -33.07 30.57
CA PHE B 168 -1.26 -34.21 31.13
C PHE B 168 -0.98 -34.06 32.62
N ASP B 169 -0.52 -32.88 33.06
CA ASP B 169 -0.11 -32.74 34.45
C ASP B 169 -1.19 -32.08 35.31
N LYS B 170 -2.39 -31.90 34.75
CA LYS B 170 -3.64 -31.58 35.44
C LYS B 170 -3.77 -30.10 35.80
N ARG B 171 -2.95 -29.24 35.18
CA ARG B 171 -3.11 -27.81 35.36
C ARG B 171 -4.18 -27.22 34.44
N GLY B 172 -4.58 -27.93 33.39
CA GLY B 172 -5.46 -27.37 32.39
C GLY B 172 -6.61 -28.30 32.07
N GLU B 173 -7.52 -27.75 31.27
CA GLU B 173 -8.63 -28.50 30.71
C GLU B 173 -8.13 -29.67 29.88
N LYS B 174 -8.86 -30.77 29.91
CA LYS B 174 -8.49 -31.91 29.09
C LYS B 174 -8.62 -31.58 27.61
N THR B 175 -7.65 -32.04 26.83
CA THR B 175 -7.66 -31.84 25.39
C THR B 175 -7.11 -33.09 24.72
N ILE B 176 -7.64 -33.44 23.56
CA ILE B 176 -7.07 -34.54 22.80
C ILE B 176 -5.71 -34.18 22.20
N LEU B 177 -5.32 -32.91 22.29
CA LEU B 177 -3.95 -32.56 21.94
C LEU B 177 -2.97 -33.35 22.79
N GLU B 178 -3.38 -33.69 24.02
CA GLU B 178 -2.50 -34.42 24.95
C GLU B 178 -1.82 -35.59 24.27
N GLY B 179 -2.60 -36.44 23.61
CA GLY B 179 -2.07 -37.56 22.85
C GLY B 179 -1.79 -37.28 21.39
N ASP B 180 -2.58 -36.41 20.75
CA ASP B 180 -2.41 -36.18 19.32
C ASP B 180 -1.04 -35.61 19.01
N ILE B 181 -0.51 -34.78 19.90
CA ILE B 181 0.81 -34.18 19.63
C ILE B 181 1.89 -35.27 19.68
N LEU B 182 1.86 -36.09 20.73
CA LEU B 182 2.79 -37.22 20.84
C LEU B 182 2.68 -38.13 19.60
N ASP B 183 1.46 -38.40 19.14
CA ASP B 183 1.30 -39.27 17.97
C ASP B 183 1.92 -38.66 16.72
N PHE B 184 1.72 -37.35 16.55
CA PHE B 184 2.20 -36.65 15.36
C PHE B 184 3.73 -36.63 15.34
N LEU B 185 4.35 -36.42 16.50
CA LEU B 185 5.80 -36.36 16.57
C LEU B 185 6.43 -37.72 16.81
N LYS B 186 5.63 -38.78 16.91
CA LYS B 186 6.14 -40.14 17.07
C LYS B 186 6.89 -40.30 18.39
N LEU B 187 6.35 -39.73 19.47
CA LEU B 187 6.96 -39.81 20.79
C LEU B 187 6.09 -40.65 21.71
N LYS B 188 6.75 -41.40 22.61
CA LYS B 188 6.02 -42.31 23.48
C LYS B 188 5.39 -41.62 24.68
N SER B 189 6.04 -40.58 25.23
CA SER B 189 5.55 -39.96 26.45
C SER B 189 5.83 -38.46 26.41
N HIS B 190 5.07 -37.70 27.20
CA HIS B 190 5.28 -36.25 27.22
C HIS B 190 6.66 -35.88 27.72
N GLU B 191 7.23 -36.71 28.59
CA GLU B 191 8.61 -36.58 29.02
C GLU B 191 9.58 -36.47 27.85
N ASP B 192 9.30 -37.17 26.74
CA ASP B 192 10.14 -37.10 25.55
C ASP B 192 10.13 -35.72 24.91
N LEU B 193 9.11 -34.88 25.17
CA LEU B 193 9.09 -33.54 24.60
C LEU B 193 10.26 -32.69 25.06
N ILE B 194 10.84 -33.00 26.22
CA ILE B 194 11.97 -32.22 26.70
C ILE B 194 13.16 -32.39 25.77
N ASN B 195 13.43 -33.64 25.38
CA ASN B 195 14.46 -33.90 24.39
C ASN B 195 14.12 -33.29 23.04
N TYR B 196 12.87 -33.45 22.60
CA TYR B 196 12.48 -32.93 21.31
C TYR B 196 12.68 -31.42 21.24
N ILE B 197 12.28 -30.69 22.28
CA ILE B 197 12.30 -29.23 22.20
C ILE B 197 13.65 -28.65 22.57
N TYR B 198 14.33 -29.22 23.58
CA TYR B 198 15.51 -28.60 24.16
C TYR B 198 16.82 -29.23 23.71
N ARG B 199 16.81 -30.42 23.12
CA ARG B 199 18.06 -31.13 22.90
C ARG B 199 18.25 -31.68 21.49
N SER B 200 17.38 -31.34 20.53
CA SER B 200 17.48 -32.02 19.24
C SER B 200 17.56 -31.05 18.07
N GLY B 201 17.80 -29.78 18.31
CA GLY B 201 17.86 -28.81 17.22
C GLY B 201 16.55 -28.62 16.49
N VAL B 202 15.43 -28.63 17.22
CA VAL B 202 14.14 -28.39 16.60
C VAL B 202 14.15 -27.03 15.90
N THR B 203 13.46 -26.95 14.77
CA THR B 203 13.33 -25.69 14.04
C THR B 203 11.99 -25.04 14.35
N LYS B 204 11.90 -23.76 13.99
CA LYS B 204 10.61 -23.08 14.08
C LYS B 204 9.60 -23.72 13.15
N LYS B 205 10.05 -24.16 11.98
CA LYS B 205 9.14 -24.81 11.04
C LYS B 205 8.57 -26.08 11.65
N GLU B 206 9.39 -26.83 12.39
CA GLU B 206 8.90 -28.05 13.02
C GLU B 206 7.88 -27.74 14.09
N ILE B 207 8.11 -26.68 14.88
CA ILE B 207 7.14 -26.29 15.90
C ILE B 207 5.84 -25.76 15.26
N ALA B 208 5.97 -24.93 14.22
CA ALA B 208 4.79 -24.40 13.54
C ALA B 208 3.95 -25.50 12.88
N SER B 209 4.56 -26.64 12.52
CA SER B 209 3.81 -27.70 11.85
C SER B 209 2.73 -28.30 12.75
N LEU B 210 2.85 -28.15 14.08
CA LEU B 210 1.80 -28.58 14.99
C LEU B 210 0.50 -27.82 14.81
N THR B 211 0.49 -26.74 14.02
CA THR B 211 -0.78 -26.11 13.67
C THR B 211 -1.71 -27.11 12.99
N ARG B 212 -1.15 -28.01 12.17
CA ARG B 212 -1.96 -29.09 11.59
C ARG B 212 -2.66 -29.91 12.66
N VAL B 213 -2.00 -30.16 13.79
CA VAL B 213 -2.62 -30.99 14.83
C VAL B 213 -3.73 -30.22 15.54
N VAL B 214 -3.52 -28.93 15.80
CA VAL B 214 -4.58 -28.11 16.36
C VAL B 214 -5.80 -28.12 15.44
N ASN B 215 -5.59 -27.94 14.14
CA ASN B 215 -6.70 -27.93 13.18
C ASN B 215 -7.44 -29.26 13.16
N SER B 216 -6.71 -30.38 13.04
CA SER B 216 -7.33 -31.71 13.13
C SER B 216 -8.18 -31.86 14.39
N ALA B 217 -7.62 -31.46 15.54
CA ALA B 217 -8.33 -31.64 16.80
C ALA B 217 -9.58 -30.77 16.86
N TYR B 218 -9.50 -29.54 16.35
CA TYR B 218 -10.68 -28.68 16.27
C TYR B 218 -11.80 -29.33 15.46
N ILE B 219 -11.44 -30.04 14.39
CA ILE B 219 -12.42 -30.72 13.54
C ILE B 219 -13.01 -31.94 14.24
N LYS B 220 -12.28 -32.53 15.20
CA LYS B 220 -12.85 -33.56 16.05
C LYS B 220 -13.63 -32.99 17.23
N GLY B 221 -13.80 -31.67 17.29
CA GLY B 221 -14.60 -31.06 18.32
C GLY B 221 -13.87 -30.68 19.58
N ASP B 222 -12.54 -30.62 19.55
CA ASP B 222 -11.75 -30.28 20.74
C ASP B 222 -11.88 -28.79 21.06
N LEU B 223 -12.37 -28.47 22.26
CA LEU B 223 -12.66 -27.08 22.56
C LEU B 223 -11.41 -26.26 22.87
N VAL B 224 -10.40 -26.86 23.50
CA VAL B 224 -9.16 -26.14 23.74
C VAL B 224 -8.51 -25.74 22.42
N SER B 225 -8.56 -26.63 21.43
CA SER B 225 -7.97 -26.34 20.12
C SER B 225 -8.73 -25.23 19.41
N LYS B 226 -10.06 -25.24 19.49
CA LYS B 226 -10.84 -24.15 18.88
C LYS B 226 -10.47 -22.81 19.50
N ARG B 227 -10.27 -22.77 20.81
CA ARG B 227 -9.94 -21.52 21.47
C ARG B 227 -8.54 -21.04 21.09
N ILE B 228 -7.61 -21.96 20.86
CA ILE B 228 -6.29 -21.56 20.37
C ILE B 228 -6.41 -20.86 19.02
N LEU B 229 -7.22 -21.43 18.13
CA LEU B 229 -7.40 -20.84 16.80
C LEU B 229 -8.13 -19.51 16.87
N LYS B 230 -9.23 -19.42 17.64
CA LYS B 230 -9.88 -18.13 17.85
C LYS B 230 -8.90 -17.06 18.29
N GLU B 231 -8.10 -17.38 19.32
CA GLU B 231 -7.25 -16.34 19.88
C GLU B 231 -6.14 -15.95 18.92
N ALA B 232 -5.66 -16.88 18.10
CA ALA B 232 -4.68 -16.50 17.08
C ALA B 232 -5.30 -15.54 16.08
N ALA B 233 -6.54 -15.82 15.65
CA ALA B 233 -7.23 -14.91 14.73
C ALA B 233 -7.40 -13.53 15.34
N ARG B 234 -7.66 -13.45 16.64
CA ARG B 234 -7.81 -12.15 17.28
C ARG B 234 -6.49 -11.40 17.34
N GLU B 235 -5.39 -12.10 17.62
CA GLU B 235 -4.07 -11.45 17.56
C GLU B 235 -3.77 -10.91 16.17
N LEU B 236 -4.10 -11.68 15.14
CA LEU B 236 -3.88 -11.18 13.78
C LEU B 236 -4.74 -9.96 13.51
N PHE B 237 -6.01 -9.99 13.96
CA PHE B 237 -6.86 -8.82 13.80
C PHE B 237 -6.26 -7.62 14.51
N LEU B 238 -5.78 -7.81 15.75
CA LEU B 238 -5.16 -6.71 16.49
C LEU B 238 -4.02 -6.08 15.70
N SER B 239 -3.24 -6.89 14.97
CA SER B 239 -2.15 -6.31 14.19
C SER B 239 -2.69 -5.45 13.04
N VAL B 240 -3.83 -5.83 12.45
CA VAL B 240 -4.44 -4.99 11.40
C VAL B 240 -4.98 -3.70 11.97
N LYS B 241 -5.73 -3.81 13.08
CA LYS B 241 -6.26 -2.65 13.77
C LYS B 241 -5.17 -1.64 14.06
N ALA B 242 -4.01 -2.12 14.50
CA ALA B 242 -2.93 -1.20 14.83
C ALA B 242 -2.46 -0.41 13.61
N VAL B 243 -2.23 -1.11 12.48
CA VAL B 243 -1.75 -0.43 11.27
C VAL B 243 -2.83 0.46 10.66
N VAL B 244 -4.09 0.00 10.68
CA VAL B 244 -5.20 0.80 10.15
C VAL B 244 -5.34 2.10 10.94
N GLU B 245 -5.29 2.02 12.27
CA GLU B 245 -5.38 3.22 13.10
C GLU B 245 -4.16 4.12 12.89
N VAL B 246 -2.97 3.53 12.83
CA VAL B 246 -1.74 4.31 12.70
C VAL B 246 -1.72 5.05 11.35
N LEU B 247 -2.27 4.43 10.31
CA LEU B 247 -2.26 5.01 8.98
C LEU B 247 -3.51 5.84 8.68
N SER B 248 -4.36 6.06 9.68
CA SER B 248 -5.57 6.88 9.55
C SER B 248 -6.53 6.31 8.50
N MET B 249 -6.65 4.99 8.47
CA MET B 249 -7.44 4.31 7.45
C MET B 249 -8.71 3.70 8.04
N GLN B 250 -9.09 4.12 9.26
CA GLN B 250 -10.24 3.53 9.97
C GLN B 250 -11.53 3.69 9.18
N ASN B 251 -11.66 4.74 8.39
CA ASN B 251 -12.91 5.00 7.69
C ASN B 251 -12.72 5.08 6.18
N LYS B 252 -11.64 4.51 5.65
CA LYS B 252 -11.33 4.60 4.24
C LYS B 252 -11.38 3.22 3.57
N LYS B 253 -11.65 3.23 2.27
CA LYS B 253 -11.60 2.00 1.50
C LYS B 253 -10.15 1.57 1.35
N VAL B 254 -9.83 0.35 1.80
CA VAL B 254 -8.48 -0.19 1.69
C VAL B 254 -8.62 -1.62 1.19
N VAL B 255 -7.63 -2.09 0.43
CA VAL B 255 -7.56 -3.50 0.03
C VAL B 255 -6.63 -4.23 0.99
N LEU B 256 -7.06 -5.38 1.48
CA LEU B 256 -6.25 -6.19 2.40
C LEU B 256 -6.13 -7.61 1.88
N THR B 257 -4.95 -8.22 2.00
CA THR B 257 -4.84 -9.63 1.65
C THR B 257 -3.99 -10.34 2.71
N THR B 258 -3.84 -11.65 2.54
CA THR B 258 -3.27 -12.51 3.58
C THR B 258 -2.29 -13.49 2.96
N ALA B 259 -1.14 -13.63 3.61
CA ALA B 259 -0.09 -14.54 3.20
C ALA B 259 0.29 -15.45 4.36
N GLY B 260 0.77 -16.64 4.03
CA GLY B 260 1.24 -17.58 5.03
C GLY B 260 0.31 -18.78 5.15
N GLY B 261 0.91 -19.94 5.41
CA GLY B 261 0.18 -21.17 5.53
C GLY B 261 -0.62 -21.38 6.81
N VAL B 262 -0.81 -20.34 7.65
CA VAL B 262 -1.68 -20.52 8.80
C VAL B 262 -3.00 -19.82 8.50
N ILE B 263 -2.93 -18.52 8.23
CA ILE B 263 -4.13 -17.71 7.98
C ILE B 263 -4.85 -18.17 6.71
N ASN B 264 -4.12 -18.69 5.73
CA ASN B 264 -4.76 -19.04 4.45
C ASN B 264 -5.24 -20.50 4.41
N ASN B 265 -4.79 -21.33 5.34
CA ASN B 265 -5.13 -22.75 5.31
C ASN B 265 -6.28 -23.14 6.24
N ILE B 266 -6.47 -22.45 7.36
CA ILE B 266 -7.38 -22.92 8.40
C ILE B 266 -8.70 -22.15 8.31
N ASN B 267 -9.75 -22.83 7.83
CA ASN B 267 -11.02 -22.15 7.55
C ASN B 267 -11.52 -21.37 8.74
N TYR B 268 -11.47 -21.98 9.93
CA TYR B 268 -12.04 -21.32 11.09
C TYR B 268 -11.23 -20.09 11.46
N LEU B 269 -9.90 -20.20 11.40
CA LEU B 269 -9.06 -19.05 11.70
C LEU B 269 -9.30 -17.91 10.71
N TYR B 270 -9.25 -18.23 9.42
CA TYR B 270 -9.55 -17.25 8.38
C TYR B 270 -10.94 -16.61 8.56
N ASP B 271 -11.96 -17.44 8.82
CA ASP B 271 -13.31 -16.92 9.02
C ASP B 271 -13.38 -15.99 10.21
N GLU B 272 -12.78 -16.37 11.34
CA GLU B 272 -12.83 -15.53 12.54
C GLU B 272 -12.13 -14.21 12.31
N PHE B 273 -10.98 -14.24 11.65
CA PHE B 273 -10.27 -13.03 11.27
C PHE B 273 -11.13 -12.13 10.39
N ARG B 274 -11.72 -12.68 9.33
CA ARG B 274 -12.59 -11.91 8.44
C ARG B 274 -13.79 -11.32 9.19
N LYS B 275 -14.32 -12.04 10.17
CA LYS B 275 -15.45 -11.49 10.93
C LYS B 275 -15.03 -10.27 11.73
N PHE B 276 -13.87 -10.34 12.39
CA PHE B 276 -13.38 -9.19 13.14
C PHE B 276 -13.23 -7.97 12.22
N LEU B 277 -12.62 -8.15 11.04
CA LEU B 277 -12.44 -7.03 10.14
C LEU B 277 -13.77 -6.49 9.61
N ASN B 278 -14.67 -7.39 9.20
CA ASN B 278 -15.94 -6.95 8.62
C ASN B 278 -16.78 -6.15 9.61
N LEU B 279 -16.72 -6.50 10.89
CA LEU B 279 -17.49 -5.74 11.87
C LEU B 279 -16.85 -4.38 12.09
N ASN B 280 -15.54 -4.35 12.30
CA ASN B 280 -14.84 -3.16 12.74
C ASN B 280 -14.42 -2.23 11.61
N TYR B 281 -14.09 -2.77 10.44
CA TYR B 281 -13.63 -1.97 9.31
C TYR B 281 -14.35 -2.44 8.04
N PRO B 282 -15.63 -2.10 7.91
CA PRO B 282 -16.41 -2.62 6.75
C PRO B 282 -15.92 -2.14 5.40
N LYS B 283 -15.21 -1.03 5.32
CA LYS B 283 -14.68 -0.60 4.03
C LYS B 283 -13.35 -1.26 3.68
N VAL B 284 -12.88 -2.21 4.47
CA VAL B 284 -11.70 -2.98 4.08
C VAL B 284 -12.15 -4.13 3.18
N LYS B 285 -11.70 -4.13 1.93
CA LYS B 285 -12.02 -5.19 1.00
C LYS B 285 -10.92 -6.24 1.10
N ILE B 286 -11.28 -7.47 1.47
CA ILE B 286 -10.33 -8.57 1.60
C ILE B 286 -10.30 -9.35 0.30
N ILE B 287 -9.09 -9.66 -0.18
CA ILE B 287 -8.89 -10.37 -1.44
C ILE B 287 -7.83 -11.45 -1.26
N SER B 288 -7.82 -12.38 -2.20
CA SER B 288 -6.73 -13.34 -2.25
C SER B 288 -5.54 -12.73 -2.98
N MET B 289 -4.36 -13.30 -2.74
CA MET B 289 -3.13 -12.77 -3.30
C MET B 289 -3.13 -13.01 -4.80
N LYS B 290 -2.85 -11.97 -5.59
CA LYS B 290 -2.87 -12.19 -7.04
C LYS B 290 -1.66 -12.99 -7.51
N ASN B 291 -0.51 -12.83 -6.85
CA ASN B 291 0.71 -13.56 -7.20
C ASN B 291 1.33 -14.05 -5.89
N ASP B 292 2.42 -14.82 -5.95
CA ASP B 292 3.11 -15.11 -4.69
C ASP B 292 4.17 -14.05 -4.38
N SER B 293 4.78 -14.21 -3.21
CA SER B 293 5.70 -13.18 -2.71
C SER B 293 6.96 -13.12 -3.55
N ALA B 294 7.45 -14.26 -4.03
CA ALA B 294 8.62 -14.23 -4.93
C ALA B 294 8.32 -13.37 -6.15
N PHE B 295 7.10 -13.48 -6.70
CA PHE B 295 6.79 -12.65 -7.86
C PHE B 295 6.60 -11.20 -7.46
N GLY B 296 6.15 -10.95 -6.22
CA GLY B 296 6.14 -9.60 -5.72
C GLY B 296 7.53 -8.99 -5.63
N ALA B 297 8.52 -9.80 -5.27
CA ALA B 297 9.90 -9.32 -5.26
C ALA B 297 10.39 -9.06 -6.69
N VAL B 298 9.90 -9.83 -7.66
CA VAL B 298 10.20 -9.56 -9.07
C VAL B 298 9.60 -8.23 -9.52
N ILE B 299 8.39 -7.91 -9.05
CA ILE B 299 7.76 -6.63 -9.42
C ILE B 299 8.57 -5.47 -8.84
N ILE B 300 8.98 -5.56 -7.58
CA ILE B 300 9.75 -4.48 -6.96
C ILE B 300 11.07 -4.29 -7.70
N ALA B 301 11.71 -5.39 -8.07
CA ALA B 301 13.01 -5.29 -8.76
C ALA B 301 12.84 -4.77 -10.19
N ARG B 302 11.91 -5.35 -10.95
CA ARG B 302 11.70 -4.90 -12.33
C ARG B 302 11.28 -3.44 -12.37
N SER B 303 10.42 -3.02 -11.43
CA SER B 303 9.91 -1.65 -11.47
C SER B 303 11.02 -0.61 -11.27
N GLU B 304 12.16 -1.01 -10.73
CA GLU B 304 13.32 -0.12 -10.64
C GLU B 304 14.16 -0.15 -11.91
N CYS B 305 13.73 -0.88 -12.95
CA CYS B 305 14.48 -0.94 -14.20
C CYS B 305 13.74 -0.15 -15.26
N ASP B 306 14.50 0.44 -16.19
CA ASP B 306 13.91 1.28 -17.23
C ASP B 306 12.96 0.48 -18.14
#